data_4XBU
#
_entry.id   4XBU
#
_cell.length_a   65.620
_cell.length_b   65.620
_cell.length_c   184.150
_cell.angle_alpha   90.00
_cell.angle_beta   90.00
_cell.angle_gamma   90.00
#
_symmetry.space_group_name_H-M   'P 41 21 2'
#
loop_
_entity.id
_entity.type
_entity.pdbx_description
1 polymer 'Serine/threonine-protein kinase PAK 4'
2 polymer 'Protein FAM212A'
3 water water
#
loop_
_entity_poly.entity_id
_entity_poly.type
_entity_poly.pdbx_seq_one_letter_code
_entity_poly.pdbx_strand_id
1 'polypeptide(L)'
;MAEEHHHHHHHHLEVLFQGPPPGPRSPQREPQRVSHEQFRAALQLVVDPGDPRSYLDNFIKIGEGSTGIVCIATVRSSGK
LVAVKKMDLRKQQRRELLFNEVVIMRDYQHENVVEMYNSYLVGDELWVVMEFLEGGALTDIVTHTRMNEEQIAAVCLAVL
QALSVLHAQGVIHRDIKSDSILLTHDGRVKLSDFGFCAQVSKEVPRRK(SEP)LVGTPYWMAPELISRLPYGPEVDIWSL
GIMVIEMVDGEPPYFNEPPLKAMKMIRDNLPPRLKNLHKVSPSLKGFLDRLLVRDPAQRATAAELLKHPFLAKAGPPASI
VPLMRQNRTR
;
A
2 'polypeptide(L)' AEDWTAALLNRGRSRQPLVLGDNC B
#
# COMPACT_ATOMS: atom_id res chain seq x y z
N GLN A 32 18.40 23.71 -10.49
CA GLN A 32 17.24 23.22 -11.32
C GLN A 32 17.68 22.05 -12.23
N ARG A 33 18.47 22.32 -13.28
CA ARG A 33 19.16 21.25 -14.01
C ARG A 33 20.18 20.65 -13.05
N VAL A 34 20.72 21.50 -12.17
CA VAL A 34 21.71 20.99 -11.24
C VAL A 34 21.06 19.99 -10.27
N SER A 35 19.82 20.26 -9.82
CA SER A 35 19.25 19.38 -8.85
C SER A 35 18.85 18.12 -9.59
N HIS A 36 18.29 18.21 -10.81
CA HIS A 36 18.04 16.98 -11.61
C HIS A 36 19.26 16.04 -11.75
N GLU A 37 20.39 16.61 -12.18
CA GLU A 37 21.58 15.80 -12.45
C GLU A 37 22.17 15.17 -11.22
N GLN A 38 22.19 15.92 -10.12
CA GLN A 38 22.59 15.37 -8.84
C GLN A 38 21.68 14.26 -8.38
N PHE A 39 20.39 14.50 -8.50
CA PHE A 39 19.45 13.47 -8.09
C PHE A 39 19.62 12.17 -8.91
N ARG A 40 19.76 12.33 -10.21
CA ARG A 40 19.99 11.18 -11.04
C ARG A 40 21.28 10.44 -10.68
N ALA A 41 22.38 11.17 -10.42
CA ALA A 41 23.58 10.48 -10.00
C ALA A 41 23.42 9.78 -8.67
N ALA A 42 22.69 10.40 -7.75
CA ALA A 42 22.47 9.72 -6.50
C ALA A 42 21.71 8.40 -6.66
N LEU A 43 20.63 8.47 -7.42
CA LEU A 43 19.86 7.22 -7.68
C LEU A 43 20.67 6.18 -8.35
N GLN A 44 21.59 6.58 -9.21
CA GLN A 44 22.43 5.58 -9.85
C GLN A 44 23.19 4.73 -8.84
N LEU A 45 23.49 5.29 -7.66
CA LEU A 45 24.28 4.52 -6.72
C LEU A 45 23.42 3.45 -6.05
N VAL A 46 22.11 3.57 -6.06
CA VAL A 46 21.35 2.57 -5.40
C VAL A 46 20.66 1.63 -6.42
N VAL A 47 20.70 1.89 -7.72
CA VAL A 47 19.96 0.99 -8.65
C VAL A 47 20.94 0.02 -9.27
N ASP A 48 20.42 -0.99 -9.94
CA ASP A 48 21.27 -1.89 -10.63
C ASP A 48 21.83 -1.15 -11.88
N PRO A 49 23.10 -1.40 -12.23
CA PRO A 49 23.60 -0.72 -13.44
C PRO A 49 23.04 -1.48 -14.63
N GLY A 50 23.03 -0.89 -15.80
CA GLY A 50 22.48 -1.69 -16.91
C GLY A 50 21.13 -1.19 -17.41
N ASP A 51 20.80 -1.67 -18.61
CA ASP A 51 19.60 -1.29 -19.35
C ASP A 51 18.72 -2.55 -19.45
N PRO A 52 17.63 -2.58 -18.69
CA PRO A 52 16.77 -3.74 -18.74
C PRO A 52 16.00 -3.94 -20.05
N ARG A 53 16.03 -2.94 -20.92
CA ARG A 53 15.31 -3.01 -22.16
C ARG A 53 15.86 -4.12 -23.06
N SER A 54 17.10 -4.50 -22.83
CA SER A 54 17.74 -5.55 -23.54
C SER A 54 17.21 -6.91 -23.15
N TYR A 55 16.53 -7.06 -22.02
CA TYR A 55 16.07 -8.38 -21.63
C TYR A 55 14.59 -8.58 -21.40
N LEU A 56 13.84 -7.47 -21.43
CA LEU A 56 12.44 -7.47 -21.22
C LEU A 56 11.70 -7.24 -22.57
N ASP A 57 10.68 -8.04 -22.86
CA ASP A 57 9.89 -7.90 -24.10
C ASP A 57 8.38 -7.96 -23.79
N ASN A 58 7.57 -7.63 -24.78
CA ASN A 58 6.10 -7.73 -24.67
C ASN A 58 5.48 -6.94 -23.49
N PHE A 59 5.73 -5.65 -23.44
CA PHE A 59 5.22 -4.81 -22.43
C PHE A 59 3.70 -4.66 -22.62
N ILE A 60 2.95 -4.92 -21.58
CA ILE A 60 1.51 -4.73 -21.54
C ILE A 60 1.15 -3.85 -20.33
N LYS A 61 0.60 -2.69 -20.62
CA LYS A 61 0.24 -1.74 -19.59
C LYS A 61 -0.87 -2.27 -18.79
N ILE A 62 -0.78 -2.19 -17.46
CA ILE A 62 -1.90 -2.54 -16.62
C ILE A 62 -2.42 -1.42 -15.78
N GLY A 63 -1.70 -0.34 -15.62
CA GLY A 63 -2.17 0.69 -14.68
C GLY A 63 -1.37 1.95 -14.81
N GLU A 64 -2.01 3.05 -14.43
CA GLU A 64 -1.32 4.22 -13.91
C GLU A 64 -1.29 3.94 -12.39
N GLY A 65 -0.11 3.65 -11.81
CA GLY A 65 0.02 3.38 -10.36
C GLY A 65 0.24 4.70 -9.61
N SER A 66 0.74 4.61 -8.36
CA SER A 66 1.03 5.81 -7.54
C SER A 66 1.73 6.94 -8.33
N THR A 67 2.91 6.61 -8.85
CA THR A 67 3.94 7.60 -9.26
C THR A 67 4.41 7.44 -10.74
N GLY A 68 3.74 6.55 -11.49
CA GLY A 68 4.00 6.38 -12.93
C GLY A 68 3.13 5.24 -13.49
N ILE A 69 3.65 4.53 -14.50
CA ILE A 69 2.89 3.45 -15.15
C ILE A 69 3.44 2.08 -14.76
N VAL A 70 2.54 1.11 -14.72
CA VAL A 70 2.88 -0.23 -14.36
C VAL A 70 2.56 -1.10 -15.57
N CYS A 71 3.52 -1.88 -16.02
CA CYS A 71 3.37 -2.76 -17.16
C CYS A 71 3.75 -4.15 -16.68
N ILE A 72 3.31 -5.15 -17.41
CA ILE A 72 3.94 -6.45 -17.28
C ILE A 72 4.83 -6.69 -18.47
N ALA A 73 5.82 -7.53 -18.26
CA ALA A 73 6.75 -7.89 -19.31
C ALA A 73 7.30 -9.24 -19.18
N THR A 74 7.89 -9.73 -20.27
CA THR A 74 8.47 -11.07 -20.26
C THR A 74 9.98 -10.92 -20.19
N VAL A 75 10.58 -11.71 -19.31
CA VAL A 75 11.99 -11.82 -19.21
C VAL A 75 12.49 -12.85 -20.25
N ARG A 76 13.34 -12.42 -21.17
CA ARG A 76 13.70 -13.28 -22.33
C ARG A 76 14.45 -14.55 -21.94
N SER A 77 15.42 -14.44 -21.02
CA SER A 77 16.21 -15.65 -20.65
C SER A 77 15.49 -16.73 -19.87
N SER A 78 14.38 -16.38 -19.21
CA SER A 78 13.70 -17.33 -18.37
C SER A 78 12.27 -17.70 -18.84
N GLY A 79 11.68 -16.83 -19.68
CA GLY A 79 10.26 -16.90 -20.03
C GLY A 79 9.30 -16.40 -18.97
N LYS A 80 9.81 -15.76 -17.90
CA LYS A 80 8.98 -15.41 -16.75
C LYS A 80 8.35 -14.08 -16.92
N LEU A 81 7.17 -13.94 -16.33
CA LEU A 81 6.50 -12.66 -16.37
C LEU A 81 6.91 -11.86 -15.12
N VAL A 82 7.09 -10.57 -15.30
CA VAL A 82 7.33 -9.68 -14.23
C VAL A 82 6.46 -8.44 -14.39
N ALA A 83 6.31 -7.70 -13.29
CA ALA A 83 5.72 -6.40 -13.31
C ALA A 83 6.84 -5.35 -13.26
N VAL A 84 6.68 -4.30 -14.05
CA VAL A 84 7.63 -3.18 -14.18
C VAL A 84 6.94 -1.86 -13.92
N LYS A 85 7.39 -1.19 -12.87
CA LYS A 85 6.84 0.12 -12.53
C LYS A 85 7.80 1.17 -13.09
N LYS A 86 7.33 2.16 -13.83
CA LYS A 86 8.21 3.14 -14.39
C LYS A 86 7.81 4.51 -13.90
N MET A 87 8.74 5.26 -13.34
CA MET A 87 8.44 6.48 -12.64
C MET A 87 9.30 7.59 -13.25
N ASP A 88 8.66 8.64 -13.71
CA ASP A 88 9.37 9.70 -14.40
C ASP A 88 10.05 10.60 -13.32
N LEU A 89 11.36 10.71 -13.39
CA LEU A 89 12.11 11.53 -12.45
C LEU A 89 11.68 12.99 -12.35
N ARG A 90 11.13 13.52 -13.45
CA ARG A 90 10.71 14.91 -13.52
C ARG A 90 9.27 15.11 -13.14
N LYS A 91 8.53 14.08 -12.70
CA LYS A 91 7.11 14.24 -12.40
C LYS A 91 6.68 13.88 -11.01
N GLN A 92 7.58 13.87 -10.05
CA GLN A 92 7.22 13.50 -8.70
C GLN A 92 6.93 14.74 -7.92
N GLN A 93 6.04 14.69 -6.95
CA GLN A 93 5.90 15.85 -6.06
C GLN A 93 7.08 16.04 -5.15
N ARG A 94 7.66 14.93 -4.65
CA ARG A 94 8.85 14.92 -3.82
C ARG A 94 9.74 13.78 -4.35
N ARG A 95 10.67 14.21 -5.17
CA ARG A 95 11.52 13.35 -5.91
C ARG A 95 12.31 12.42 -5.05
N GLU A 96 12.74 12.90 -3.85
CA GLU A 96 13.48 12.10 -2.93
C GLU A 96 12.76 10.89 -2.42
N LEU A 97 11.42 10.84 -2.51
CA LEU A 97 10.74 9.64 -2.08
C LEU A 97 11.09 8.41 -2.95
N LEU A 98 11.50 8.65 -4.18
CA LEU A 98 11.97 7.60 -5.03
C LEU A 98 13.14 6.83 -4.45
N PHE A 99 13.84 7.34 -3.44
CA PHE A 99 14.91 6.60 -2.84
C PHE A 99 14.38 5.48 -1.95
N ASN A 100 13.12 5.58 -1.49
CA ASN A 100 12.80 4.76 -0.33
C ASN A 100 12.64 3.33 -0.74
N GLU A 101 11.66 3.06 -1.62
CA GLU A 101 11.42 1.67 -1.91
C GLU A 101 12.72 0.93 -2.41
N VAL A 102 13.31 1.47 -3.46
CA VAL A 102 14.47 0.87 -4.11
C VAL A 102 15.61 0.52 -3.10
N VAL A 103 15.69 1.22 -1.94
CA VAL A 103 16.77 0.95 -0.93
C VAL A 103 16.14 0.03 0.08
N ILE A 104 15.00 0.44 0.61
CA ILE A 104 14.39 -0.27 1.76
C ILE A 104 13.96 -1.69 1.40
N MET A 105 13.31 -1.83 0.27
CA MET A 105 12.78 -3.16 -0.06
C MET A 105 13.80 -4.11 -0.79
N ARG A 106 15.02 -3.63 -0.99
CA ARG A 106 16.03 -4.31 -1.79
C ARG A 106 16.07 -5.82 -1.73
N ASP A 107 16.36 -6.41 -0.58
CA ASP A 107 16.40 -7.89 -0.56
C ASP A 107 15.37 -8.48 0.40
N TYR A 108 14.27 -7.79 0.48
CA TYR A 108 13.19 -8.18 1.33
C TYR A 108 12.47 -9.44 0.85
N GLN A 109 12.29 -10.36 1.75
CA GLN A 109 11.60 -11.63 1.50
C GLN A 109 10.51 -11.82 2.56
N HIS A 110 9.26 -11.90 2.13
CA HIS A 110 8.17 -12.30 3.05
C HIS A 110 7.07 -12.80 2.17
N GLU A 111 6.40 -13.83 2.64
CA GLU A 111 5.42 -14.46 1.81
C GLU A 111 4.21 -13.55 1.47
N ASN A 112 3.96 -12.55 2.30
CA ASN A 112 2.85 -11.59 2.14
C ASN A 112 3.31 -10.21 1.65
N VAL A 113 4.49 -10.15 1.03
CA VAL A 113 4.96 -8.91 0.48
C VAL A 113 5.47 -9.18 -0.94
N VAL A 114 5.00 -8.35 -1.87
CA VAL A 114 5.43 -8.38 -3.25
C VAL A 114 6.97 -8.30 -3.35
N GLU A 115 7.58 -9.29 -3.95
CA GLU A 115 9.05 -9.31 -4.07
C GLU A 115 9.57 -8.36 -5.18
N MET A 116 10.59 -7.55 -4.83
CA MET A 116 11.26 -6.66 -5.80
C MET A 116 12.46 -7.40 -6.28
N TYR A 117 12.66 -7.44 -7.59
CA TYR A 117 13.74 -8.19 -8.19
C TYR A 117 14.97 -7.28 -8.48
N ASN A 118 14.79 -6.13 -9.08
CA ASN A 118 15.91 -5.22 -9.46
C ASN A 118 15.32 -3.86 -9.68
N SER A 119 16.14 -2.83 -9.78
CA SER A 119 15.73 -1.53 -10.25
C SER A 119 16.79 -0.95 -11.16
N TYR A 120 16.40 -0.01 -12.00
CA TYR A 120 17.26 0.54 -12.98
C TYR A 120 16.87 1.93 -13.25
N LEU A 121 17.80 2.65 -13.86
CA LEU A 121 17.58 3.99 -14.36
C LEU A 121 17.56 3.89 -15.88
N VAL A 122 16.48 4.30 -16.52
CA VAL A 122 16.33 4.18 -18.00
C VAL A 122 15.95 5.55 -18.47
N GLY A 123 16.90 6.27 -19.05
CA GLY A 123 16.62 7.67 -19.41
C GLY A 123 16.31 8.47 -18.16
N ASP A 124 15.20 9.19 -18.15
CA ASP A 124 14.78 9.87 -16.94
C ASP A 124 13.72 9.09 -16.21
N GLU A 125 13.79 7.76 -16.24
CA GLU A 125 12.80 6.98 -15.52
C GLU A 125 13.50 6.03 -14.61
N LEU A 126 12.96 5.87 -13.40
CA LEU A 126 13.31 4.76 -12.55
C LEU A 126 12.34 3.59 -12.93
N TRP A 127 12.87 2.42 -13.19
CA TRP A 127 12.11 1.19 -13.41
C TRP A 127 12.38 0.29 -12.25
N VAL A 128 11.33 -0.21 -11.62
CA VAL A 128 11.45 -1.23 -10.58
C VAL A 128 10.81 -2.47 -11.13
N VAL A 129 11.53 -3.56 -11.12
CA VAL A 129 11.04 -4.82 -11.65
C VAL A 129 10.68 -5.69 -10.49
N MET A 130 9.48 -6.23 -10.51
CA MET A 130 8.99 -7.07 -9.42
C MET A 130 8.07 -8.23 -9.83
N GLU A 131 7.67 -9.04 -8.85
CA GLU A 131 6.81 -10.15 -9.10
C GLU A 131 5.47 -9.69 -9.60
N PHE A 132 4.95 -10.43 -10.57
CA PHE A 132 3.66 -10.12 -11.19
C PHE A 132 2.62 -10.91 -10.40
N LEU A 133 1.65 -10.19 -9.84
CA LEU A 133 0.49 -10.81 -9.14
C LEU A 133 -0.72 -10.95 -10.02
N GLU A 134 -0.84 -12.13 -10.61
CA GLU A 134 -1.84 -12.38 -11.66
C GLU A 134 -3.31 -12.23 -11.26
N GLY A 135 -3.57 -12.24 -9.96
CA GLY A 135 -4.94 -12.11 -9.43
C GLY A 135 -5.39 -10.70 -9.35
N GLY A 136 -4.48 -9.77 -9.57
CA GLY A 136 -4.84 -8.35 -9.57
C GLY A 136 -5.04 -7.83 -8.14
N ALA A 137 -5.70 -6.69 -8.03
CA ALA A 137 -5.81 -5.99 -6.78
C ALA A 137 -7.17 -6.18 -6.07
N LEU A 138 -7.14 -6.00 -4.77
CA LEU A 138 -8.34 -6.11 -3.94
C LEU A 138 -9.42 -5.10 -4.27
N THR A 139 -9.03 -3.95 -4.80
CA THR A 139 -10.00 -2.93 -5.25
C THR A 139 -11.06 -3.41 -6.21
N ASP A 140 -10.69 -4.25 -7.18
CA ASP A 140 -11.66 -4.80 -8.12
C ASP A 140 -12.78 -5.61 -7.43
N ILE A 141 -12.38 -6.34 -6.40
CA ILE A 141 -13.28 -7.11 -5.61
C ILE A 141 -14.21 -6.21 -4.83
N VAL A 142 -13.61 -5.31 -4.09
CA VAL A 142 -14.32 -4.52 -3.09
C VAL A 142 -15.34 -3.57 -3.77
N THR A 143 -15.13 -3.19 -5.02
CA THR A 143 -16.09 -2.36 -5.68
C THR A 143 -17.16 -3.18 -6.47
N HIS A 144 -16.98 -4.47 -6.70
CA HIS A 144 -17.90 -5.27 -7.49
C HIS A 144 -18.57 -6.41 -6.73
N THR A 145 -18.21 -6.65 -5.47
CA THR A 145 -18.79 -7.78 -4.72
C THR A 145 -18.73 -7.49 -3.23
N ARG A 146 -19.26 -8.41 -2.45
CA ARG A 146 -19.36 -8.24 -1.03
C ARG A 146 -18.61 -9.35 -0.35
N MET A 147 -17.54 -9.03 0.37
CA MET A 147 -16.77 -10.09 0.98
C MET A 147 -17.50 -10.51 2.22
N ASN A 148 -17.33 -11.76 2.62
CA ASN A 148 -17.78 -12.22 3.88
C ASN A 148 -16.68 -12.17 4.90
N GLU A 149 -17.04 -12.47 6.12
CA GLU A 149 -16.06 -12.22 7.22
C GLU A 149 -14.88 -13.19 7.25
N GLU A 150 -15.11 -14.41 6.80
CA GLU A 150 -14.05 -15.35 6.59
C GLU A 150 -12.97 -14.77 5.60
N GLN A 151 -13.44 -14.22 4.52
CA GLN A 151 -12.57 -13.61 3.50
C GLN A 151 -11.92 -12.35 4.00
N ILE A 152 -12.67 -11.50 4.70
CA ILE A 152 -12.12 -10.34 5.35
C ILE A 152 -11.04 -10.65 6.38
N ALA A 153 -11.28 -11.64 7.24
CA ALA A 153 -10.27 -12.03 8.17
C ALA A 153 -9.02 -12.58 7.45
N ALA A 154 -9.18 -13.28 6.34
CA ALA A 154 -8.00 -13.82 5.62
C ALA A 154 -7.14 -12.70 5.08
N VAL A 155 -7.78 -11.68 4.51
CA VAL A 155 -7.05 -10.51 4.07
C VAL A 155 -6.40 -9.78 5.20
N CYS A 156 -7.15 -9.48 6.25
CA CYS A 156 -6.55 -8.80 7.41
C CYS A 156 -5.38 -9.61 8.07
N LEU A 157 -5.50 -10.92 8.18
CA LEU A 157 -4.41 -11.75 8.72
C LEU A 157 -3.10 -11.61 7.86
N ALA A 158 -3.26 -11.78 6.56
CA ALA A 158 -2.17 -11.62 5.62
C ALA A 158 -1.50 -10.31 5.73
N VAL A 159 -2.29 -9.25 5.72
CA VAL A 159 -1.75 -7.90 5.79
C VAL A 159 -1.06 -7.66 7.08
N LEU A 160 -1.68 -8.11 8.17
CA LEU A 160 -1.08 -7.96 9.47
C LEU A 160 0.19 -8.78 9.64
N GLN A 161 0.30 -9.96 9.04
CA GLN A 161 1.55 -10.75 9.12
C GLN A 161 2.65 -9.94 8.47
N ALA A 162 2.40 -9.47 7.23
CA ALA A 162 3.28 -8.47 6.56
C ALA A 162 3.62 -7.26 7.41
N LEU A 163 2.62 -6.60 7.97
CA LEU A 163 2.90 -5.37 8.76
C LEU A 163 3.63 -5.69 10.08
N SER A 164 3.42 -6.85 10.72
CA SER A 164 4.14 -7.06 11.99
C SER A 164 5.68 -7.07 11.69
N VAL A 165 6.07 -7.80 10.66
CA VAL A 165 7.48 -7.99 10.32
C VAL A 165 8.04 -6.68 9.80
N LEU A 166 7.31 -6.03 8.90
CA LEU A 166 7.70 -4.65 8.49
C LEU A 166 7.91 -3.72 9.60
N HIS A 167 6.90 -3.57 10.43
CA HIS A 167 6.96 -2.60 11.54
C HIS A 167 8.06 -2.91 12.61
N ALA A 168 8.35 -4.19 12.85
CA ALA A 168 9.42 -4.59 13.78
C ALA A 168 10.79 -4.19 13.24
N GLN A 169 10.93 -3.96 11.95
CA GLN A 169 12.22 -3.49 11.49
C GLN A 169 12.19 -2.04 11.04
N GLY A 170 11.20 -1.28 11.52
CA GLY A 170 11.15 0.18 11.29
C GLY A 170 10.45 0.66 9.99
N VAL A 171 9.87 -0.24 9.21
CA VAL A 171 9.31 0.17 7.92
C VAL A 171 7.83 0.46 8.02
N ILE A 172 7.45 1.68 7.63
CA ILE A 172 6.06 2.17 7.52
C ILE A 172 5.68 2.18 6.04
N HIS A 173 4.51 1.68 5.73
CA HIS A 173 4.11 1.56 4.33
C HIS A 173 3.61 2.90 3.83
N ARG A 174 2.71 3.47 4.63
CA ARG A 174 2.03 4.74 4.44
C ARG A 174 0.99 4.87 3.31
N ASP A 175 0.71 3.81 2.58
CA ASP A 175 -0.37 3.88 1.60
C ASP A 175 -1.19 2.58 1.62
N ILE A 176 -1.60 2.15 2.83
CA ILE A 176 -2.45 0.99 2.98
C ILE A 176 -3.89 1.33 2.46
N LYS A 177 -4.35 0.54 1.51
CA LYS A 177 -5.73 0.66 0.98
C LYS A 177 -5.91 -0.51 0.08
N SER A 178 -7.13 -0.79 -0.37
CA SER A 178 -7.34 -1.96 -1.17
C SER A 178 -6.47 -1.94 -2.43
N ASP A 179 -6.22 -0.77 -3.00
CA ASP A 179 -5.42 -0.78 -4.25
C ASP A 179 -4.02 -1.32 -4.06
N SER A 180 -3.55 -1.33 -2.81
CA SER A 180 -2.19 -1.81 -2.53
C SER A 180 -2.14 -3.24 -2.20
N ILE A 181 -3.28 -3.95 -2.16
CA ILE A 181 -3.25 -5.34 -1.83
C ILE A 181 -3.41 -6.13 -3.09
N LEU A 182 -2.50 -7.07 -3.37
CA LEU A 182 -2.57 -7.82 -4.64
C LEU A 182 -2.76 -9.31 -4.36
N LEU A 183 -3.28 -10.04 -5.33
CA LEU A 183 -3.60 -11.43 -5.18
C LEU A 183 -2.95 -12.33 -6.24
N THR A 184 -2.61 -13.54 -5.83
CA THR A 184 -2.27 -14.59 -6.77
C THR A 184 -3.54 -15.24 -7.27
N HIS A 185 -3.43 -16.02 -8.35
CA HIS A 185 -4.56 -16.80 -8.91
C HIS A 185 -5.25 -17.70 -7.87
N ASP A 186 -4.49 -18.22 -6.89
CA ASP A 186 -5.07 -19.10 -5.91
C ASP A 186 -5.45 -18.39 -4.58
N GLY A 187 -5.65 -17.08 -4.65
CA GLY A 187 -6.09 -16.28 -3.48
C GLY A 187 -5.10 -15.90 -2.42
N ARG A 188 -3.82 -16.13 -2.65
CA ARG A 188 -2.83 -15.64 -1.71
C ARG A 188 -2.65 -14.13 -1.85
N VAL A 189 -2.44 -13.47 -0.71
CA VAL A 189 -2.48 -12.04 -0.57
C VAL A 189 -1.14 -11.44 -0.29
N LYS A 190 -0.81 -10.38 -1.02
CA LYS A 190 0.45 -9.69 -0.80
C LYS A 190 0.30 -8.25 -0.83
N LEU A 191 1.03 -7.62 0.06
CA LEU A 191 1.14 -6.21 0.09
C LEU A 191 2.11 -5.68 -0.99
N SER A 192 1.73 -4.58 -1.63
CA SER A 192 2.48 -3.91 -2.65
C SER A 192 2.52 -2.38 -2.44
N ASP A 193 3.04 -1.69 -3.46
CA ASP A 193 3.01 -0.23 -3.58
C ASP A 193 3.66 0.42 -2.41
N PHE A 194 4.97 0.20 -2.39
CA PHE A 194 5.84 0.68 -1.36
C PHE A 194 6.44 2.03 -1.67
N GLY A 195 5.92 2.67 -2.69
CA GLY A 195 6.50 3.91 -3.12
C GLY A 195 6.58 5.00 -2.08
N PHE A 196 5.69 4.98 -1.10
CA PHE A 196 5.71 6.08 -0.05
C PHE A 196 6.27 5.55 1.26
N CYS A 197 6.82 4.31 1.24
CA CYS A 197 7.24 3.64 2.51
C CYS A 197 8.39 4.44 3.07
N ALA A 198 8.66 4.26 4.37
CA ALA A 198 9.65 5.11 5.10
C ALA A 198 10.32 4.22 6.12
N GLN A 199 11.56 4.54 6.47
CA GLN A 199 12.32 3.76 7.45
C GLN A 199 12.46 4.63 8.69
N VAL A 200 12.06 4.12 9.86
CA VAL A 200 12.36 4.83 11.11
C VAL A 200 13.43 4.05 11.83
N SER A 201 13.95 4.64 12.89
CA SER A 201 15.04 4.00 13.64
C SER A 201 15.08 4.61 15.03
N LYS A 202 15.92 3.98 15.85
CA LYS A 202 16.22 4.42 17.20
C LYS A 202 16.37 5.95 17.26
N GLU A 203 17.31 6.45 16.47
CA GLU A 203 17.65 7.85 16.56
C GLU A 203 16.68 8.75 15.79
N VAL A 204 15.94 8.22 14.77
CA VAL A 204 14.91 9.04 14.10
C VAL A 204 13.60 8.19 14.08
N PRO A 205 12.86 8.25 15.18
CA PRO A 205 11.90 7.20 15.30
C PRO A 205 10.55 7.56 14.64
N ARG A 206 10.36 8.83 14.25
CA ARG A 206 9.08 9.35 13.77
C ARG A 206 9.29 10.05 12.44
N ARG A 207 8.24 10.07 11.65
CA ARG A 207 8.20 10.84 10.43
C ARG A 207 7.16 11.91 10.64
N LYS A 208 7.06 12.86 9.73
CA LYS A 208 6.05 13.92 9.82
C LYS A 208 5.43 14.29 8.45
N SEP A 209 5.72 13.51 7.39
CA SEP A 209 5.40 13.93 6.02
CB SEP A 209 6.32 13.23 5.04
OG SEP A 209 7.71 13.41 5.32
C SEP A 209 3.92 13.60 5.75
O SEP A 209 3.40 12.53 6.17
P SEP A 209 8.66 12.17 5.09
O1P SEP A 209 10.02 12.84 5.36
O2P SEP A 209 8.44 11.14 6.17
O3P SEP A 209 8.48 11.68 3.71
N LEU A 210 3.26 14.53 5.08
CA LEU A 210 1.89 14.40 4.54
C LEU A 210 1.97 13.66 3.23
N VAL A 211 1.82 12.37 3.38
CA VAL A 211 1.96 11.35 2.37
C VAL A 211 0.82 10.31 2.59
N GLY A 212 0.13 9.92 1.54
CA GLY A 212 -0.87 8.84 1.63
C GLY A 212 -1.91 8.94 0.53
N THR A 213 -3.09 8.40 0.79
CA THR A 213 -4.24 8.64 -0.10
C THR A 213 -5.34 9.21 0.78
N PRO A 214 -5.82 10.41 0.45
CA PRO A 214 -6.58 11.22 1.44
C PRO A 214 -7.60 10.47 2.39
N TYR A 215 -8.51 9.67 1.81
CA TYR A 215 -9.59 9.09 2.64
C TYR A 215 -9.07 8.01 3.59
N TRP A 216 -7.84 7.51 3.37
CA TRP A 216 -7.26 6.43 4.22
C TRP A 216 -6.24 6.92 5.23
N MET A 217 -5.99 8.22 5.23
CA MET A 217 -4.91 8.77 6.08
C MET A 217 -5.29 8.85 7.53
N ALA A 218 -4.35 8.47 8.38
CA ALA A 218 -4.54 8.65 9.82
C ALA A 218 -4.63 10.15 10.18
N PRO A 219 -5.37 10.47 11.23
CA PRO A 219 -5.57 11.85 11.53
C PRO A 219 -4.26 12.50 12.05
N GLU A 220 -3.49 11.81 12.87
CA GLU A 220 -2.18 12.36 13.24
C GLU A 220 -1.28 12.67 12.03
N LEU A 221 -1.29 11.83 10.98
CA LEU A 221 -0.58 12.10 9.72
C LEU A 221 -1.14 13.26 8.91
N ILE A 222 -2.45 13.43 8.97
CA ILE A 222 -3.09 14.57 8.35
C ILE A 222 -2.57 15.82 9.03
N SER A 223 -2.56 15.81 10.35
CA SER A 223 -2.03 16.95 11.12
C SER A 223 -0.50 17.11 11.06
N ARG A 224 0.21 16.21 10.36
CA ARG A 224 1.67 16.31 10.26
C ARG A 224 2.35 16.37 11.63
N LEU A 225 1.81 15.60 12.61
CA LEU A 225 2.47 15.41 13.89
C LEU A 225 3.44 14.26 13.75
N PRO A 226 4.40 14.16 14.66
CA PRO A 226 5.28 13.00 14.47
C PRO A 226 4.43 11.73 14.53
N TYR A 227 4.76 10.72 13.74
CA TYR A 227 3.97 9.47 13.76
C TYR A 227 4.85 8.30 13.45
N GLY A 228 4.33 7.13 13.73
CA GLY A 228 5.09 5.92 13.61
C GLY A 228 4.29 4.96 12.78
N PRO A 229 4.66 3.67 12.85
CA PRO A 229 3.93 2.55 12.31
C PRO A 229 2.41 2.49 12.52
N GLU A 230 1.91 3.24 13.50
CA GLU A 230 0.51 3.28 13.89
C GLU A 230 -0.32 3.77 12.75
N VAL A 231 0.30 4.57 11.86
CA VAL A 231 -0.51 5.14 10.83
C VAL A 231 -1.09 4.09 9.92
N ASP A 232 -0.33 3.00 9.66
CA ASP A 232 -0.74 1.92 8.77
C ASP A 232 -1.92 1.12 9.43
N ILE A 233 -1.91 1.01 10.74
CA ILE A 233 -3.04 0.39 11.46
C ILE A 233 -4.34 1.17 11.24
N TRP A 234 -4.31 2.49 11.31
CA TRP A 234 -5.51 3.23 10.99
C TRP A 234 -5.94 3.05 9.54
N SER A 235 -4.98 3.09 8.61
CA SER A 235 -5.36 2.96 7.22
C SER A 235 -5.96 1.58 6.99
N LEU A 236 -5.47 0.58 7.69
CA LEU A 236 -5.99 -0.76 7.59
C LEU A 236 -7.47 -0.78 8.00
N GLY A 237 -7.79 -0.05 9.06
CA GLY A 237 -9.21 0.18 9.51
C GLY A 237 -10.08 0.69 8.41
N ILE A 238 -9.55 1.66 7.67
CA ILE A 238 -10.34 2.24 6.60
C ILE A 238 -10.52 1.24 5.53
N MET A 239 -9.51 0.40 5.29
CA MET A 239 -9.62 -0.66 4.29
C MET A 239 -10.63 -1.73 4.72
N VAL A 240 -10.67 -2.01 6.00
CA VAL A 240 -11.77 -2.83 6.54
C VAL A 240 -13.16 -2.24 6.23
N ILE A 241 -13.33 -0.93 6.43
CA ILE A 241 -14.52 -0.21 5.94
C ILE A 241 -14.71 -0.40 4.48
N GLU A 242 -13.66 -0.30 3.68
CA GLU A 242 -13.86 -0.64 2.30
C GLU A 242 -14.46 -2.05 2.09
N MET A 243 -13.91 -3.01 2.80
CA MET A 243 -14.35 -4.37 2.55
C MET A 243 -15.82 -4.62 2.96
N VAL A 244 -16.32 -3.83 3.89
CA VAL A 244 -17.68 -4.03 4.43
C VAL A 244 -18.66 -3.19 3.64
N ASP A 245 -18.31 -1.93 3.38
CA ASP A 245 -19.20 -0.92 2.76
C ASP A 245 -18.90 -0.71 1.33
N GLY A 246 -17.74 -1.10 0.81
CA GLY A 246 -17.48 -0.83 -0.59
C GLY A 246 -16.60 0.41 -0.85
N GLU A 247 -16.50 1.29 0.11
CA GLU A 247 -15.78 2.48 -0.10
C GLU A 247 -15.42 3.06 1.23
N PRO A 248 -14.45 3.99 1.25
CA PRO A 248 -14.06 4.51 2.53
C PRO A 248 -15.02 5.60 2.95
N PRO A 249 -14.96 6.01 4.22
CA PRO A 249 -15.84 7.06 4.63
C PRO A 249 -15.55 8.34 3.89
N TYR A 250 -16.59 9.14 3.73
CA TYR A 250 -16.54 10.43 3.08
C TYR A 250 -16.01 10.44 1.70
N PHE A 251 -16.20 9.35 0.98
CA PHE A 251 -15.61 9.22 -0.30
C PHE A 251 -16.15 10.16 -1.36
N ASN A 252 -17.39 10.58 -1.20
CA ASN A 252 -18.00 11.48 -2.21
C ASN A 252 -17.58 12.93 -2.02
N GLU A 253 -17.15 13.28 -0.80
CA GLU A 253 -16.55 14.58 -0.54
C GLU A 253 -15.27 14.75 -1.32
N PRO A 254 -14.98 16.01 -1.76
CA PRO A 254 -13.66 16.22 -2.34
C PRO A 254 -12.54 15.92 -1.33
N PRO A 255 -11.42 15.40 -1.84
CA PRO A 255 -10.30 14.89 -1.02
C PRO A 255 -9.93 15.78 0.15
N LEU A 256 -9.84 17.08 -0.11
CA LEU A 256 -9.36 18.03 0.89
C LEU A 256 -10.32 18.27 2.02
N LYS A 257 -11.60 18.34 1.73
CA LYS A 257 -12.56 18.45 2.84
C LYS A 257 -12.66 17.16 3.61
N ALA A 258 -12.74 16.05 2.88
CA ALA A 258 -12.69 14.75 3.53
C ALA A 258 -11.55 14.71 4.54
N MET A 259 -10.37 15.23 4.18
CA MET A 259 -9.21 15.18 5.09
C MET A 259 -9.44 16.01 6.30
N LYS A 260 -10.08 17.16 6.11
CA LYS A 260 -10.46 18.03 7.22
C LYS A 260 -11.40 17.27 8.22
N MET A 261 -12.39 16.57 7.67
CA MET A 261 -13.31 15.80 8.52
C MET A 261 -12.60 14.72 9.32
N ILE A 262 -11.73 13.95 8.66
CA ILE A 262 -10.99 12.89 9.34
C ILE A 262 -10.18 13.45 10.50
N ARG A 263 -9.44 14.52 10.21
CA ARG A 263 -8.67 15.22 11.26
C ARG A 263 -9.56 15.62 12.45
N ASP A 264 -10.75 16.16 12.18
CA ASP A 264 -11.55 16.78 13.24
C ASP A 264 -12.56 15.84 13.95
N ASN A 265 -13.20 14.94 13.22
CA ASN A 265 -14.32 14.13 13.79
C ASN A 265 -13.91 12.94 14.64
N LEU A 266 -14.89 12.29 15.24
CA LEU A 266 -14.64 11.04 15.95
C LEU A 266 -14.52 9.92 14.90
N PRO A 267 -14.08 8.70 15.31
CA PRO A 267 -13.88 7.66 14.28
C PRO A 267 -15.11 7.46 13.43
N PRO A 268 -14.90 7.25 12.13
CA PRO A 268 -16.00 7.08 11.20
C PRO A 268 -16.68 5.76 11.54
N ARG A 269 -17.93 5.61 11.16
CA ARG A 269 -18.70 4.43 11.58
C ARG A 269 -18.99 3.63 10.31
N LEU A 270 -19.20 2.31 10.40
CA LEU A 270 -19.66 1.58 9.17
C LEU A 270 -21.09 1.93 8.82
N LYS A 271 -21.39 2.13 7.53
CA LYS A 271 -22.73 2.25 7.03
C LYS A 271 -23.47 0.88 7.17
N ASN A 272 -22.82 -0.22 6.86
CA ASN A 272 -23.43 -1.53 7.05
C ASN A 272 -23.16 -2.17 8.42
N LEU A 273 -23.11 -1.39 9.52
CA LEU A 273 -22.78 -1.97 10.84
C LEU A 273 -23.75 -3.13 11.24
N HIS A 274 -24.98 -3.06 10.78
CA HIS A 274 -25.92 -4.11 11.17
C HIS A 274 -25.52 -5.50 10.62
N LYS A 275 -24.66 -5.50 9.60
CA LYS A 275 -24.16 -6.71 8.95
C LYS A 275 -22.81 -7.23 9.46
N VAL A 276 -22.21 -6.54 10.39
CA VAL A 276 -20.94 -6.99 10.89
C VAL A 276 -21.09 -7.59 12.27
N SER A 277 -20.34 -8.68 12.44
CA SER A 277 -20.39 -9.50 13.65
C SER A 277 -19.81 -8.74 14.81
N PRO A 278 -20.12 -9.23 16.02
CA PRO A 278 -19.50 -8.54 17.16
C PRO A 278 -17.98 -8.62 17.21
N SER A 279 -17.38 -9.72 16.80
CA SER A 279 -15.93 -9.82 16.77
C SER A 279 -15.25 -8.88 15.72
N LEU A 280 -15.83 -8.73 14.53
CA LEU A 280 -15.40 -7.73 13.54
C LEU A 280 -15.53 -6.29 14.04
N LYS A 281 -16.62 -5.99 14.73
CA LYS A 281 -16.73 -4.67 15.31
C LYS A 281 -15.71 -4.40 16.37
N GLY A 282 -15.41 -5.38 17.20
CA GLY A 282 -14.44 -5.21 18.25
C GLY A 282 -13.01 -5.10 17.69
N PHE A 283 -12.76 -5.80 16.57
CA PHE A 283 -11.50 -5.74 15.86
C PHE A 283 -11.32 -4.33 15.32
N LEU A 284 -12.29 -3.88 14.55
CA LEU A 284 -12.28 -2.57 14.01
C LEU A 284 -12.12 -1.43 15.03
N ASP A 285 -12.74 -1.58 16.21
CA ASP A 285 -12.54 -0.65 17.33
C ASP A 285 -11.10 -0.55 17.81
N ARG A 286 -10.29 -1.57 17.61
CA ARG A 286 -8.92 -1.46 18.05
C ARG A 286 -8.05 -0.75 16.96
N LEU A 287 -8.58 -0.62 15.74
CA LEU A 287 -7.81 -0.08 14.60
C LEU A 287 -8.06 1.42 14.49
N LEU A 288 -9.32 1.77 14.59
CA LEU A 288 -9.81 3.11 14.34
C LEU A 288 -9.84 3.93 15.60
N VAL A 289 -8.70 3.95 16.27
CA VAL A 289 -8.52 4.73 17.48
C VAL A 289 -7.68 5.98 17.19
N ARG A 290 -8.18 7.13 17.61
CA ARG A 290 -7.52 8.43 17.38
C ARG A 290 -6.22 8.64 18.07
N ASP A 291 -6.18 8.32 19.35
CA ASP A 291 -4.98 8.41 20.11
C ASP A 291 -4.07 7.27 19.64
N PRO A 292 -2.97 7.61 18.97
CA PRO A 292 -2.14 6.56 18.39
C PRO A 292 -1.50 5.65 19.42
N ALA A 293 -1.28 6.16 20.63
CA ALA A 293 -0.65 5.35 21.66
C ALA A 293 -1.66 4.30 22.18
N GLN A 294 -2.97 4.52 21.97
CA GLN A 294 -4.09 3.56 22.33
C GLN A 294 -4.51 2.56 21.22
N ARG A 295 -4.10 2.85 20.00
CA ARG A 295 -4.39 2.06 18.85
C ARG A 295 -3.61 0.73 18.90
N ALA A 296 -4.25 -0.35 18.56
CA ALA A 296 -3.55 -1.63 18.66
C ALA A 296 -2.36 -1.68 17.66
N THR A 297 -1.34 -2.48 17.96
CA THR A 297 -0.20 -2.69 17.09
C THR A 297 -0.50 -3.90 16.26
N ALA A 298 0.18 -4.06 15.14
CA ALA A 298 0.01 -5.28 14.37
C ALA A 298 0.28 -6.56 15.16
N ALA A 299 1.36 -6.58 15.92
CA ALA A 299 1.69 -7.76 16.77
C ALA A 299 0.53 -8.10 17.74
N GLU A 300 -0.03 -7.12 18.42
CA GLU A 300 -1.24 -7.38 19.19
C GLU A 300 -2.43 -7.89 18.37
N LEU A 301 -2.67 -7.24 17.23
CA LEU A 301 -3.82 -7.60 16.44
C LEU A 301 -3.68 -8.97 15.89
N LEU A 302 -2.48 -9.47 15.73
CA LEU A 302 -2.35 -10.85 15.27
C LEU A 302 -3.04 -11.87 16.20
N LYS A 303 -3.25 -11.50 17.45
CA LYS A 303 -3.83 -12.41 18.44
C LYS A 303 -5.31 -12.22 18.59
N HIS A 304 -5.91 -11.34 17.78
CA HIS A 304 -7.29 -10.98 18.00
C HIS A 304 -8.24 -12.04 17.48
N PRO A 305 -9.33 -12.29 18.21
CA PRO A 305 -10.15 -13.46 17.84
C PRO A 305 -10.89 -13.35 16.51
N PHE A 306 -11.11 -12.14 16.03
CA PHE A 306 -11.67 -11.99 14.71
C PHE A 306 -10.86 -12.81 13.68
N LEU A 307 -9.55 -12.83 13.82
CA LEU A 307 -8.70 -13.45 12.82
C LEU A 307 -8.75 -14.98 12.84
N ALA A 308 -9.28 -15.58 13.91
CA ALA A 308 -9.50 -17.02 13.91
C ALA A 308 -10.59 -17.38 12.94
N LYS A 309 -11.41 -16.45 12.48
CA LYS A 309 -12.30 -16.79 11.40
C LYS A 309 -11.61 -16.84 10.03
N ALA A 310 -10.30 -16.60 9.95
CA ALA A 310 -9.68 -16.53 8.61
C ALA A 310 -9.88 -17.80 7.75
N GLY A 311 -10.38 -17.62 6.53
CA GLY A 311 -10.44 -18.65 5.52
C GLY A 311 -9.06 -18.92 4.91
N PRO A 312 -8.96 -20.01 4.15
CA PRO A 312 -7.69 -20.25 3.47
C PRO A 312 -7.71 -19.47 2.14
N PRO A 313 -6.55 -19.33 1.50
CA PRO A 313 -6.49 -18.75 0.16
C PRO A 313 -7.63 -19.16 -0.81
N ALA A 314 -8.00 -20.42 -0.82
CA ALA A 314 -9.16 -20.86 -1.65
C ALA A 314 -10.46 -20.06 -1.41
N SER A 315 -10.71 -19.60 -0.18
CA SER A 315 -11.94 -18.85 0.12
C SER A 315 -12.07 -17.54 -0.66
N ILE A 316 -10.94 -16.91 -0.98
CA ILE A 316 -10.86 -15.67 -1.80
C ILE A 316 -11.18 -15.84 -3.30
N VAL A 317 -10.92 -17.04 -3.83
CA VAL A 317 -10.89 -17.29 -5.28
C VAL A 317 -12.22 -17.03 -5.97
N PRO A 318 -13.33 -17.41 -5.31
CA PRO A 318 -14.62 -17.10 -5.93
C PRO A 318 -14.89 -15.60 -6.23
N LEU A 319 -14.26 -14.72 -5.47
CA LEU A 319 -14.46 -13.28 -5.63
C LEU A 319 -13.77 -12.68 -6.82
N MET A 320 -12.76 -13.36 -7.32
CA MET A 320 -11.89 -12.77 -8.38
C MET A 320 -12.64 -12.72 -9.67
N ARG A 321 -12.44 -11.62 -10.43
CA ARG A 321 -13.17 -11.32 -11.67
C ARG A 321 -13.40 -12.52 -12.57
N GLN A 322 -12.36 -13.33 -12.73
CA GLN A 322 -12.42 -14.50 -13.63
C GLN A 322 -13.40 -15.60 -13.18
N ASN A 323 -13.77 -15.64 -11.90
CA ASN A 323 -14.58 -16.72 -11.37
C ASN A 323 -15.98 -16.26 -11.00
N ARG A 324 -16.42 -15.14 -11.55
CA ARG A 324 -17.65 -14.54 -11.11
C ARG A 324 -18.27 -13.81 -12.30
N GLY B 12 -14.48 14.35 -5.84
CA GLY B 12 -14.92 13.18 -4.99
C GLY B 12 -14.56 11.81 -5.56
N ARG B 13 -14.58 10.77 -4.73
CA ARG B 13 -14.34 9.39 -5.25
C ARG B 13 -12.96 9.16 -5.90
N SER B 14 -12.00 10.02 -5.59
CA SER B 14 -10.62 9.89 -6.07
C SER B 14 -9.80 8.83 -5.29
N ARG B 15 -9.16 7.91 -6.01
CA ARG B 15 -8.26 6.88 -5.47
C ARG B 15 -6.75 7.26 -5.60
N GLN B 16 -6.49 8.51 -5.99
CA GLN B 16 -5.14 8.99 -6.27
C GLN B 16 -4.43 9.46 -5.00
N PRO B 17 -3.15 9.09 -4.85
CA PRO B 17 -2.38 9.57 -3.69
C PRO B 17 -2.16 11.08 -3.67
N LEU B 18 -1.89 11.59 -2.50
CA LEU B 18 -1.55 12.95 -2.32
C LEU B 18 -0.18 12.99 -1.59
N VAL B 19 0.80 13.71 -2.15
CA VAL B 19 2.07 13.99 -1.45
C VAL B 19 2.20 15.52 -1.40
N LEU B 20 2.27 16.08 -0.21
CA LEU B 20 2.42 17.51 -0.06
C LEU B 20 3.91 17.85 -0.41
N GLY B 21 4.12 18.67 -1.43
CA GLY B 21 5.48 19.11 -1.74
C GLY B 21 5.99 20.12 -0.70
N ASP B 22 6.12 19.74 0.55
CA ASP B 22 6.38 20.76 1.61
C ASP B 22 7.81 21.35 1.57
N ASN B 23 8.73 20.72 0.84
CA ASN B 23 10.12 21.19 0.77
C ASN B 23 10.50 21.64 -0.62
N CYS B 24 9.51 22.04 -1.41
CA CYS B 24 9.78 22.54 -2.75
C CYS B 24 9.76 24.09 -2.65
#